data_7PCJ
#
_entry.id   7PCJ
#
_cell.length_a   42.474
_cell.length_b   70.891
_cell.length_c   64.090
_cell.angle_alpha   90.000
_cell.angle_beta   102.700
_cell.angle_gamma   90.000
#
_symmetry.space_group_name_H-M   'P 1 21 1'
#
loop_
_entity.id
_entity.type
_entity.pdbx_description
1 polymer 'Peptidyl-prolyl cis-trans isomerase A'
2 polymer 'Cyclosporin A'
3 polymer 'Aromatic foldamer'
4 water water
#
loop_
_entity_poly.entity_id
_entity_poly.type
_entity_poly.pdbx_seq_one_letter_code
_entity_poly.pdbx_strand_id
1 'polypeptide(L)'
;MVNPTVFFDIAVDGEPLGRVSFELFADKVPKTAENFRALSTGEKGFGYKGSCFHRIIPGFMCQGGDFTRHNGTGGKSIYG
EKFEDENFILKHTGPGILSMANAGPNTNGSQFFICTAKTEWLDGCHVVFGKVKEGMNIVEAMERFGSRNGKTSKKITIAD
CGQLE
;
A,D
2 'polypeptide(D)' (DAL)(MLE)(MLE)(MVA)(BMT)(ABA)(SAR)(MLE)V(MLE)A B,E
3 'polypeptide(L)' (MPT)(A1IMW)(QUK)(QVS)(QUJ)(QUK)(7IB) F,C
#
loop_
_chem_comp.id
_chem_comp.type
_chem_comp.name
_chem_comp.formula
7IB non-polymer '8-azanyl-5-(4-oxidanyl-4-oxidanylidene-butyl)quinoline-2-carboxylic acid' 'C14 H14 N2 O4'
A1IMW non-polymer '2-[2-[2-(2-azanylethoxy)ethoxy]ethoxy]ethylcarbamic acid' 'C9 H20 N2 O5'
MPT non-polymer 'BETA-MERCAPTOPROPIONIC ACID' 'C3 H6 O2 S'
#
# COMPACT_ATOMS: atom_id res chain seq x y z
N VAL A 2 8.14 -21.11 19.32
CA VAL A 2 8.17 -21.43 17.85
C VAL A 2 6.76 -21.25 17.25
N ASN A 3 6.68 -20.98 15.95
CA ASN A 3 5.45 -21.16 15.15
C ASN A 3 4.89 -22.56 15.41
N PRO A 4 3.56 -22.76 15.52
CA PRO A 4 3.01 -24.11 15.60
C PRO A 4 3.06 -24.93 14.29
N THR A 5 3.18 -26.24 14.46
CA THR A 5 3.01 -27.29 13.43
C THR A 5 1.73 -28.07 13.72
N VAL A 6 0.92 -28.28 12.69
CA VAL A 6 -0.30 -29.11 12.80
C VAL A 6 -0.29 -30.14 11.68
N PHE A 7 -0.99 -31.23 11.87
CA PHE A 7 -1.04 -32.31 10.87
C PHE A 7 -2.49 -32.57 10.51
N PHE A 8 -2.74 -32.98 9.27
CA PHE A 8 -3.94 -33.71 8.83
C PHE A 8 -3.51 -35.12 8.41
N ASP A 9 -4.26 -36.14 8.85
CA ASP A 9 -4.28 -37.46 8.20
C ASP A 9 -5.39 -37.46 7.16
N ILE A 10 -5.06 -37.70 5.89
CA ILE A 10 -6.00 -37.58 4.74
C ILE A 10 -6.49 -38.97 4.34
N ALA A 11 -7.78 -39.08 4.04
CA ALA A 11 -8.42 -40.33 3.61
C ALA A 11 -9.18 -40.07 2.30
N VAL A 12 -9.23 -41.10 1.46
CA VAL A 12 -10.01 -41.13 0.21
C VAL A 12 -11.10 -42.19 0.36
N ASP A 13 -12.36 -41.77 0.43
CA ASP A 13 -13.52 -42.66 0.76
C ASP A 13 -13.14 -43.54 1.96
N GLY A 14 -12.47 -42.95 2.96
CA GLY A 14 -12.23 -43.60 4.25
C GLY A 14 -11.00 -44.47 4.24
N GLU A 15 -10.28 -44.59 3.11
CA GLU A 15 -8.96 -45.32 3.03
C GLU A 15 -7.83 -44.35 3.35
N PRO A 16 -6.91 -44.71 4.28
CA PRO A 16 -5.78 -43.85 4.60
C PRO A 16 -4.98 -43.50 3.34
N LEU A 17 -4.75 -42.22 3.12
CA LEU A 17 -3.87 -41.74 2.03
C LEU A 17 -2.49 -41.38 2.59
N GLY A 18 -2.42 -40.68 3.73
CA GLY A 18 -1.14 -40.26 4.34
C GLY A 18 -1.26 -38.94 5.07
N ARG A 19 -0.14 -38.48 5.64
CA ARG A 19 -0.09 -37.32 6.56
C ARG A 19 0.48 -36.09 5.85
N VAL A 20 -0.18 -34.95 5.98
CA VAL A 20 0.38 -33.61 5.66
C VAL A 20 0.55 -32.82 6.96
N SER A 21 1.67 -32.15 7.11
CA SER A 21 1.99 -31.29 8.27
C SER A 21 2.23 -29.88 7.76
N PHE A 22 1.82 -28.90 8.54
CA PHE A 22 1.86 -27.46 8.19
C PHE A 22 2.57 -26.70 9.28
N GLU A 23 3.43 -25.75 8.88
CA GLU A 23 3.90 -24.65 9.73
C GLU A 23 2.89 -23.51 9.66
N LEU A 24 2.50 -22.95 10.81
CA LEU A 24 1.60 -21.77 10.86
C LEU A 24 2.42 -20.54 11.26
N PHE A 25 2.31 -19.47 10.48
CA PHE A 25 3.13 -18.24 10.61
C PHE A 25 2.48 -17.31 11.66
N ALA A 26 2.35 -17.82 12.89
CA ALA A 26 1.88 -17.11 14.11
C ALA A 26 2.70 -15.82 14.33
N ASP A 27 3.99 -15.84 13.98
CA ASP A 27 4.88 -14.65 14.06
C ASP A 27 4.33 -13.49 13.23
N LYS A 28 3.63 -13.73 12.12
CA LYS A 28 3.21 -12.60 11.23
C LYS A 28 1.68 -12.50 11.17
N VAL A 29 0.95 -13.60 11.40
CA VAL A 29 -0.55 -13.61 11.40
C VAL A 29 -1.04 -14.45 12.59
N PRO A 30 -0.86 -13.97 13.84
CA PRO A 30 -1.16 -14.77 15.03
C PRO A 30 -2.64 -15.09 15.21
N LYS A 31 -3.54 -14.17 14.88
CA LYS A 31 -5.01 -14.40 14.99
C LYS A 31 -5.43 -15.50 14.00
N THR A 32 -4.96 -15.43 12.75
CA THR A 32 -5.34 -16.35 11.66
C THR A 32 -4.70 -17.72 11.96
N ALA A 33 -3.44 -17.73 12.39
CA ALA A 33 -2.75 -18.98 12.78
C ALA A 33 -3.49 -19.65 13.96
N GLU A 34 -3.86 -18.92 15.01
CA GLU A 34 -4.58 -19.48 16.21
C GLU A 34 -5.89 -20.14 15.74
N ASN A 35 -6.62 -19.51 14.82
CA ASN A 35 -7.91 -20.06 14.32
C ASN A 35 -7.70 -21.50 13.77
N PHE A 36 -6.75 -21.66 12.86
CA PHE A 36 -6.47 -22.92 12.15
C PHE A 36 -5.90 -23.94 13.16
N ARG A 37 -5.05 -23.51 14.07
CA ARG A 37 -4.48 -24.40 15.13
C ARG A 37 -5.61 -25.00 15.98
N ALA A 38 -6.48 -24.17 16.57
CA ALA A 38 -7.61 -24.64 17.42
C ALA A 38 -8.55 -25.55 16.63
N LEU A 39 -8.87 -25.23 15.36
CA LEU A 39 -9.78 -26.07 14.53
C LEU A 39 -9.12 -27.41 14.16
N SER A 40 -7.80 -27.44 14.13
CA SER A 40 -7.01 -28.67 13.87
C SER A 40 -7.00 -29.57 15.12
N THR A 41 -6.84 -29.00 16.31
CA THR A 41 -6.80 -29.81 17.57
C THR A 41 -8.20 -30.32 17.88
N GLY A 42 -9.25 -29.53 17.57
CA GLY A 42 -10.61 -29.77 18.04
C GLY A 42 -10.79 -29.62 19.56
N GLU A 43 -9.88 -28.93 20.23
CA GLU A 43 -9.90 -28.72 21.70
C GLU A 43 -11.21 -28.03 22.11
N LYS A 44 -11.81 -27.20 21.26
CA LYS A 44 -13.03 -26.43 21.64
C LYS A 44 -14.30 -27.27 21.44
N GLY A 45 -14.21 -28.43 20.78
CA GLY A 45 -15.34 -29.36 20.60
C GLY A 45 -15.86 -29.33 19.18
N PHE A 46 -15.23 -28.55 18.33
CA PHE A 46 -15.53 -28.52 16.88
C PHE A 46 -14.24 -28.20 16.14
N GLY A 47 -14.24 -28.50 14.85
CA GLY A 47 -13.13 -28.20 13.95
C GLY A 47 -13.10 -29.13 12.75
N TYR A 48 -11.91 -29.38 12.22
CA TYR A 48 -11.71 -29.84 10.83
C TYR A 48 -11.95 -31.35 10.74
N LYS A 49 -11.85 -32.04 11.87
CA LYS A 49 -11.81 -33.51 11.83
C LYS A 49 -13.11 -34.04 11.20
N GLY A 50 -13.03 -34.90 10.19
CA GLY A 50 -14.18 -35.48 9.48
C GLY A 50 -14.65 -34.60 8.34
N SER A 51 -14.09 -33.40 8.17
CA SER A 51 -14.43 -32.47 7.06
C SER A 51 -13.71 -32.87 5.75
N CYS A 52 -14.27 -32.42 4.64
CA CYS A 52 -13.90 -32.81 3.27
C CYS A 52 -13.26 -31.61 2.57
N PHE A 53 -12.37 -31.92 1.62
CA PHE A 53 -11.88 -30.99 0.56
C PHE A 53 -12.92 -31.00 -0.54
N HIS A 54 -13.81 -30.00 -0.54
CA HIS A 54 -15.00 -30.00 -1.42
C HIS A 54 -14.63 -29.53 -2.83
N ARG A 55 -13.47 -28.89 -3.00
CA ARG A 55 -13.12 -28.21 -4.26
C ARG A 55 -11.63 -28.36 -4.53
N ILE A 56 -11.29 -29.20 -5.50
CA ILE A 56 -9.88 -29.48 -5.87
C ILE A 56 -9.73 -29.27 -7.36
N ILE A 57 -8.82 -28.41 -7.73
CA ILE A 57 -8.58 -28.03 -9.14
C ILE A 57 -7.12 -28.29 -9.42
N PRO A 58 -6.80 -29.35 -10.19
CA PRO A 58 -5.41 -29.76 -10.43
C PRO A 58 -4.63 -28.59 -11.07
N GLY A 59 -3.44 -28.33 -10.52
CA GLY A 59 -2.57 -27.24 -10.97
C GLY A 59 -2.92 -25.92 -10.32
N PHE A 60 -3.90 -25.88 -9.43
CA PHE A 60 -4.30 -24.62 -8.74
C PHE A 60 -4.21 -24.81 -7.23
N MET A 61 -5.20 -25.47 -6.63
CA MET A 61 -5.28 -25.59 -5.16
C MET A 61 -6.33 -26.62 -4.72
N CYS A 62 -6.18 -27.08 -3.48
CA CYS A 62 -7.18 -27.89 -2.72
C CYS A 62 -7.85 -26.97 -1.70
N GLN A 63 -9.17 -26.89 -1.75
CA GLN A 63 -9.98 -26.05 -0.86
C GLN A 63 -10.74 -26.97 0.10
N GLY A 64 -10.63 -26.68 1.40
CA GLY A 64 -11.28 -27.42 2.51
C GLY A 64 -11.73 -26.52 3.63
N GLY A 65 -12.24 -27.12 4.70
CA GLY A 65 -12.46 -26.42 5.97
C GLY A 65 -13.90 -26.02 6.16
N ASP A 66 -14.80 -26.45 5.29
CA ASP A 66 -16.25 -26.20 5.47
C ASP A 66 -16.86 -27.35 6.29
N PHE A 67 -16.72 -27.30 7.61
CA PHE A 67 -17.14 -28.39 8.53
C PHE A 67 -18.58 -28.17 8.99
N THR A 68 -19.26 -27.11 8.55
CA THR A 68 -20.71 -26.90 8.83
C THR A 68 -21.55 -27.39 7.64
N ARG A 69 -21.29 -26.94 6.41
CA ARG A 69 -22.25 -27.14 5.27
C ARG A 69 -21.61 -28.01 4.18
N HIS A 70 -20.31 -28.31 4.30
CA HIS A 70 -19.61 -29.35 3.50
C HIS A 70 -19.62 -29.02 1.99
N ASN A 71 -19.88 -27.78 1.57
CA ASN A 71 -20.05 -27.50 0.12
C ASN A 71 -19.50 -26.12 -0.27
N GLY A 72 -18.84 -25.40 0.64
CA GLY A 72 -18.22 -24.08 0.35
C GLY A 72 -19.06 -22.91 0.82
N THR A 73 -20.27 -23.13 1.34
CA THR A 73 -21.15 -22.04 1.84
C THR A 73 -20.93 -21.87 3.35
N GLY A 74 -20.17 -22.78 3.98
CA GLY A 74 -20.19 -22.93 5.45
C GLY A 74 -18.84 -22.62 6.10
N GLY A 75 -18.67 -23.11 7.32
CA GLY A 75 -17.46 -22.92 8.15
C GLY A 75 -17.64 -21.76 9.11
N LYS A 76 -16.91 -21.78 10.21
CA LYS A 76 -16.98 -20.77 11.29
C LYS A 76 -15.60 -20.69 11.91
N SER A 77 -15.16 -19.48 12.28
CA SER A 77 -13.88 -19.25 13.01
C SER A 77 -14.09 -19.45 14.49
N ILE A 78 -13.02 -19.54 15.26
CA ILE A 78 -13.10 -19.60 16.74
C ILE A 78 -13.51 -18.23 17.30
N TYR A 79 -13.64 -17.20 16.47
CA TYR A 79 -13.93 -15.81 16.92
C TYR A 79 -15.32 -15.38 16.50
N GLY A 80 -16.18 -16.32 16.13
CA GLY A 80 -17.50 -16.03 15.53
C GLY A 80 -17.51 -16.38 14.06
N GLU A 81 -18.67 -16.23 13.42
CA GLU A 81 -18.87 -16.66 12.02
C GLU A 81 -17.65 -16.23 11.21
N LYS A 82 -17.30 -14.93 11.26
CA LYS A 82 -16.35 -14.27 10.32
C LYS A 82 -15.36 -13.43 11.11
N PHE A 83 -14.13 -13.24 10.60
CA PHE A 83 -13.14 -12.28 11.17
C PHE A 83 -12.35 -11.60 10.04
N GLU A 84 -11.69 -10.51 10.43
CA GLU A 84 -11.11 -9.47 9.52
C GLU A 84 -9.87 -10.07 8.84
N ASP A 85 -9.47 -9.50 7.70
CA ASP A 85 -8.18 -9.85 7.07
C ASP A 85 -7.05 -9.23 7.93
N GLU A 86 -6.24 -10.07 8.60
CA GLU A 86 -5.27 -9.61 9.63
C GLU A 86 -4.21 -8.73 8.96
N ASN A 87 -3.58 -9.22 7.90
CA ASN A 87 -2.73 -8.38 7.02
C ASN A 87 -2.52 -9.16 5.72
N PHE A 88 -1.81 -8.56 4.77
CA PHE A 88 -1.43 -9.15 3.46
C PHE A 88 0.09 -9.09 3.33
N ILE A 89 0.80 -9.35 4.42
CA ILE A 89 2.28 -9.28 4.39
C ILE A 89 2.76 -10.44 3.52
N LEU A 90 2.28 -11.65 3.82
CA LEU A 90 2.74 -12.90 3.18
C LEU A 90 2.00 -13.09 1.85
N LYS A 91 2.69 -13.64 0.87
CA LYS A 91 2.27 -13.70 -0.55
C LYS A 91 2.16 -15.16 -1.00
N HIS A 92 1.47 -15.36 -2.11
CA HIS A 92 1.22 -16.71 -2.66
C HIS A 92 2.41 -17.07 -3.55
N THR A 93 3.48 -17.55 -2.93
CA THR A 93 4.82 -17.60 -3.54
C THR A 93 5.07 -18.95 -4.19
N GLY A 94 4.24 -19.96 -3.94
CA GLY A 94 4.42 -21.26 -4.63
C GLY A 94 3.61 -22.41 -4.04
N PRO A 95 3.87 -23.64 -4.53
CA PRO A 95 3.16 -24.83 -4.04
C PRO A 95 3.36 -24.99 -2.54
N GLY A 96 2.31 -25.41 -1.80
CA GLY A 96 2.40 -25.69 -0.35
C GLY A 96 1.87 -24.53 0.49
N ILE A 97 1.62 -23.37 -0.12
CA ILE A 97 1.14 -22.16 0.61
C ILE A 97 -0.25 -22.47 1.15
N LEU A 98 -0.48 -22.12 2.42
CA LEU A 98 -1.76 -22.24 3.15
C LEU A 98 -2.36 -20.82 3.28
N SER A 99 -3.56 -20.61 2.76
CA SER A 99 -4.17 -19.27 2.65
C SER A 99 -5.67 -19.40 2.95
N MET A 100 -6.33 -18.31 3.36
CA MET A 100 -7.76 -18.35 3.76
C MET A 100 -8.61 -18.14 2.52
N ALA A 101 -9.61 -19.00 2.31
CA ALA A 101 -10.73 -18.73 1.37
C ALA A 101 -11.61 -17.65 1.99
N ASN A 102 -12.40 -16.92 1.18
CA ASN A 102 -13.27 -15.88 1.75
C ASN A 102 -14.40 -15.60 0.76
N ALA A 103 -15.29 -14.67 1.12
CA ALA A 103 -16.38 -14.22 0.24
C ALA A 103 -16.31 -12.70 0.15
N GLY A 104 -15.09 -12.16 0.04
CA GLY A 104 -14.85 -10.71 0.03
C GLY A 104 -14.16 -10.24 1.29
N PRO A 105 -13.96 -8.92 1.45
CA PRO A 105 -13.17 -8.38 2.57
C PRO A 105 -13.71 -8.82 3.93
N ASN A 106 -12.84 -9.30 4.81
CA ASN A 106 -13.17 -9.48 6.24
C ASN A 106 -14.25 -10.58 6.40
N THR A 107 -14.17 -11.65 5.61
CA THR A 107 -15.12 -12.78 5.65
C THR A 107 -14.35 -14.09 5.89
N ASN A 108 -13.25 -14.04 6.64
CA ASN A 108 -12.48 -15.25 7.05
C ASN A 108 -13.34 -16.06 8.04
N GLY A 109 -13.41 -17.36 7.81
CA GLY A 109 -14.19 -18.36 8.56
C GLY A 109 -13.26 -19.50 8.95
N SER A 110 -13.51 -20.70 8.45
CA SER A 110 -12.61 -21.87 8.64
C SER A 110 -12.05 -22.36 7.28
N GLN A 111 -12.61 -21.89 6.17
CA GLN A 111 -12.24 -22.39 4.83
C GLN A 111 -10.85 -21.87 4.45
N PHE A 112 -10.06 -22.77 3.90
CA PHE A 112 -8.66 -22.52 3.54
C PHE A 112 -8.35 -23.24 2.22
N PHE A 113 -7.20 -22.92 1.64
CA PHE A 113 -6.69 -23.65 0.49
C PHE A 113 -5.21 -23.91 0.64
N ILE A 114 -4.81 -25.05 0.08
CA ILE A 114 -3.40 -25.45 -0.13
C ILE A 114 -3.05 -25.26 -1.60
N CYS A 115 -2.17 -24.31 -1.91
CA CYS A 115 -1.70 -24.03 -3.28
C CYS A 115 -0.88 -25.21 -3.80
N THR A 116 -1.09 -25.59 -5.06
CA THR A 116 -0.23 -26.59 -5.77
C THR A 116 0.55 -25.84 -6.85
N ALA A 117 0.41 -24.52 -6.90
CA ALA A 117 1.10 -23.61 -7.83
C ALA A 117 1.34 -22.29 -7.11
N LYS A 118 2.10 -21.42 -7.73
CA LYS A 118 2.26 -20.01 -7.33
C LYS A 118 0.98 -19.26 -7.78
N THR A 119 0.18 -18.75 -6.85
CA THR A 119 -1.13 -18.15 -7.19
C THR A 119 -1.08 -16.64 -6.96
N GLU A 120 -0.14 -15.96 -7.62
CA GLU A 120 0.22 -14.53 -7.35
C GLU A 120 -0.98 -13.60 -7.59
N TRP A 121 -1.90 -13.97 -8.47
CA TRP A 121 -3.10 -13.12 -8.77
C TRP A 121 -4.01 -13.06 -7.52
N LEU A 122 -3.78 -13.90 -6.48
CA LEU A 122 -4.51 -13.81 -5.19
C LEU A 122 -3.78 -12.96 -4.14
N ASP A 123 -2.59 -12.43 -4.44
CA ASP A 123 -1.80 -11.59 -3.52
C ASP A 123 -2.60 -10.31 -3.18
N GLY A 124 -2.83 -10.05 -1.88
CA GLY A 124 -3.59 -8.89 -1.41
C GLY A 124 -5.09 -9.15 -1.28
N CYS A 125 -5.60 -10.32 -1.68
CA CYS A 125 -7.04 -10.67 -1.65
C CYS A 125 -7.30 -11.74 -0.57
N HIS A 126 -6.30 -12.60 -0.29
CA HIS A 126 -6.37 -13.80 0.57
C HIS A 126 -5.21 -13.75 1.57
N VAL A 127 -5.51 -13.93 2.84
CA VAL A 127 -4.48 -13.88 3.91
C VAL A 127 -3.73 -15.22 3.90
N VAL A 128 -2.43 -15.18 3.64
CA VAL A 128 -1.48 -16.32 3.72
C VAL A 128 -1.01 -16.45 5.16
N PHE A 129 -0.99 -17.66 5.69
CA PHE A 129 -0.79 -17.90 7.11
C PHE A 129 -0.01 -19.17 7.39
N GLY A 130 0.41 -19.93 6.39
CA GLY A 130 1.21 -21.14 6.64
C GLY A 130 1.74 -21.75 5.38
N LYS A 131 2.38 -22.90 5.51
CA LYS A 131 2.93 -23.68 4.37
C LYS A 131 3.02 -25.15 4.79
N VAL A 132 2.87 -26.03 3.82
CA VAL A 132 3.17 -27.47 3.97
C VAL A 132 4.64 -27.63 4.36
N LYS A 133 4.88 -28.50 5.32
CA LYS A 133 6.20 -28.81 5.90
C LYS A 133 6.58 -30.20 5.40
N GLU A 134 5.75 -31.21 5.65
CA GLU A 134 5.95 -32.62 5.20
C GLU A 134 4.69 -33.10 4.49
N GLY A 135 4.83 -34.05 3.56
CA GLY A 135 3.72 -34.66 2.81
C GLY A 135 3.19 -33.78 1.68
N MET A 136 4.08 -33.14 0.93
CA MET A 136 3.66 -32.40 -0.29
C MET A 136 3.28 -33.44 -1.37
N ASN A 137 3.79 -34.67 -1.23
CA ASN A 137 3.41 -35.81 -2.10
C ASN A 137 1.95 -36.20 -1.82
N ILE A 138 1.48 -36.06 -0.60
CA ILE A 138 0.09 -36.42 -0.21
C ILE A 138 -0.83 -35.36 -0.84
N VAL A 139 -0.40 -34.11 -0.84
CA VAL A 139 -1.19 -33.00 -1.47
C VAL A 139 -1.25 -33.20 -2.98
N GLU A 140 -0.15 -33.69 -3.60
CA GLU A 140 -0.07 -33.98 -5.06
C GLU A 140 -1.00 -35.15 -5.42
N ALA A 141 -1.02 -36.19 -4.60
CA ALA A 141 -1.99 -37.30 -4.72
C ALA A 141 -3.45 -36.77 -4.61
N MET A 142 -3.77 -36.02 -3.57
CA MET A 142 -5.14 -35.45 -3.39
C MET A 142 -5.60 -34.77 -4.67
N GLU A 143 -4.69 -34.02 -5.30
CA GLU A 143 -4.95 -33.06 -6.41
C GLU A 143 -5.30 -33.83 -7.68
N ARG A 144 -5.07 -35.15 -7.69
CA ARG A 144 -5.37 -36.03 -8.83
C ARG A 144 -6.85 -36.44 -8.77
N PHE A 145 -7.54 -36.21 -7.65
CA PHE A 145 -8.97 -36.59 -7.46
C PHE A 145 -9.86 -35.39 -7.79
N GLY A 146 -9.27 -34.31 -8.26
CA GLY A 146 -9.97 -33.07 -8.59
C GLY A 146 -10.23 -33.01 -10.07
N SER A 147 -10.91 -31.94 -10.53
CA SER A 147 -11.34 -31.70 -11.92
C SER A 147 -11.33 -30.20 -12.20
N ARG A 148 -11.59 -29.80 -13.44
CA ARG A 148 -11.43 -28.38 -13.89
C ARG A 148 -12.41 -27.50 -13.14
N ASN A 149 -13.58 -28.03 -12.79
CA ASN A 149 -14.67 -27.30 -12.07
C ASN A 149 -14.47 -27.44 -10.55
N GLY A 150 -13.73 -28.47 -10.11
CA GLY A 150 -13.35 -28.64 -8.70
C GLY A 150 -13.97 -29.87 -8.04
N LYS A 151 -14.96 -30.52 -8.66
CA LYS A 151 -15.63 -31.70 -8.10
C LYS A 151 -14.60 -32.83 -7.99
N THR A 152 -14.58 -33.49 -6.84
CA THR A 152 -13.66 -34.60 -6.53
C THR A 152 -14.37 -35.88 -6.96
N SER A 153 -13.63 -36.78 -7.58
CA SER A 153 -14.13 -38.08 -8.09
C SER A 153 -14.29 -39.07 -6.93
N LYS A 154 -13.70 -38.74 -5.77
CA LYS A 154 -13.86 -39.49 -4.49
C LYS A 154 -13.88 -38.50 -3.33
N LYS A 155 -14.42 -38.89 -2.19
CA LYS A 155 -14.51 -38.10 -0.94
C LYS A 155 -13.14 -38.02 -0.24
N ILE A 156 -12.55 -36.82 -0.23
CA ILE A 156 -11.19 -36.54 0.33
C ILE A 156 -11.39 -35.90 1.70
N THR A 157 -11.11 -36.64 2.78
CA THR A 157 -11.48 -36.21 4.16
C THR A 157 -10.25 -36.03 5.05
N ILE A 158 -10.41 -35.20 6.08
CA ILE A 158 -9.44 -35.09 7.19
C ILE A 158 -9.87 -36.10 8.25
N ALA A 159 -9.33 -37.30 8.19
CA ALA A 159 -9.72 -38.42 9.07
C ALA A 159 -9.28 -38.09 10.50
N ASP A 160 -8.14 -37.41 10.66
CA ASP A 160 -7.56 -36.96 11.94
C ASP A 160 -6.76 -35.67 11.72
N CYS A 161 -6.58 -34.92 12.79
CA CYS A 161 -5.77 -33.70 12.79
C CYS A 161 -5.40 -33.36 14.23
N GLY A 162 -4.28 -32.69 14.39
CA GLY A 162 -3.87 -32.13 15.69
C GLY A 162 -2.64 -31.26 15.56
N GLN A 163 -2.12 -30.81 16.70
CA GLN A 163 -0.86 -30.04 16.79
C GLN A 163 0.28 -31.00 17.09
N LEU A 164 1.41 -30.84 16.41
CA LEU A 164 2.70 -31.48 16.77
C LEU A 164 3.57 -30.53 17.60
N GLU A 165 3.36 -29.23 17.39
CA GLU A 165 4.34 -28.13 17.54
C GLU A 165 5.66 -28.69 18.06
N DAL B 1 -12.80 -18.23 -13.73
CA DAL B 1 -11.38 -18.06 -13.69
CB DAL B 1 -10.84 -18.48 -15.03
C DAL B 1 -10.81 -18.92 -12.56
O DAL B 1 -11.30 -20.04 -12.38
N MLE B 2 -9.75 -18.43 -11.80
CN MLE B 2 -9.23 -17.08 -11.94
CA MLE B 2 -9.16 -19.25 -10.71
CB MLE B 2 -7.68 -19.59 -11.01
CG MLE B 2 -7.42 -20.51 -12.20
CD1 MLE B 2 -5.94 -20.86 -12.33
CD2 MLE B 2 -8.23 -21.80 -12.13
C MLE B 2 -9.29 -18.55 -9.36
O MLE B 2 -8.33 -18.00 -8.81
N MLE B 3 -10.50 -18.49 -8.76
CN MLE B 3 -11.74 -18.96 -9.37
CA MLE B 3 -10.59 -17.88 -7.42
CB MLE B 3 -11.75 -16.85 -7.38
CG MLE B 3 -11.64 -15.72 -8.40
CD1 MLE B 3 -12.77 -14.73 -8.22
CD2 MLE B 3 -10.32 -14.99 -8.27
C MLE B 3 -10.75 -18.90 -6.30
O MLE B 3 -11.09 -20.04 -6.59
N MVA B 4 -10.61 -18.52 -5.05
CN MVA B 4 -10.05 -17.25 -4.68
CA MVA B 4 -11.05 -19.39 -3.91
CB MVA B 4 -9.83 -19.83 -3.08
CG1 MVA B 4 -10.20 -21.05 -2.23
CG2 MVA B 4 -8.62 -20.11 -3.95
C MVA B 4 -12.10 -18.76 -3.01
O MVA B 4 -11.78 -18.29 -1.92
N BMT B 5 -13.41 -18.80 -3.41
CN BMT B 5 -13.88 -19.49 -4.61
CA BMT B 5 -14.40 -18.12 -2.60
C BMT B 5 -15.31 -19.08 -1.89
O BMT B 5 -15.27 -20.27 -2.15
CB BMT B 5 -15.23 -17.17 -3.41
OG1 BMT B 5 -16.07 -17.93 -4.27
CG2 BMT B 5 -14.38 -16.21 -4.20
CD1 BMT B 5 -13.37 -15.49 -3.32
CD2 BMT B 5 -15.26 -15.19 -4.96
CE BMT B 5 -15.96 -14.25 -4.04
CZ BMT B 5 -17.23 -14.07 -4.00
CH BMT B 5 -17.95 -13.11 -3.11
N ABA B 6 -16.13 -18.53 -0.98
CA ABA B 6 -16.92 -19.28 -0.03
C ABA B 6 -18.39 -18.89 -0.19
O ABA B 6 -18.87 -18.16 0.65
CB ABA B 6 -16.47 -18.97 1.39
CG ABA B 6 -14.99 -19.29 1.66
N SAR B 7 -19.14 -19.46 -1.16
CA SAR B 7 -20.58 -19.09 -1.34
C SAR B 7 -20.89 -18.78 -2.80
O SAR B 7 -21.52 -19.58 -3.48
CN SAR B 7 -18.67 -20.50 -2.04
N MLE B 8 -20.36 -17.72 -3.36
CN MLE B 8 -19.49 -16.82 -2.63
CA MLE B 8 -20.53 -17.49 -4.81
CB MLE B 8 -21.00 -16.06 -5.07
CG MLE B 8 -21.27 -15.75 -6.54
CD1 MLE B 8 -21.67 -14.29 -6.75
CD2 MLE B 8 -22.36 -16.69 -7.07
C MLE B 8 -19.24 -17.74 -5.60
O MLE B 8 -18.37 -16.88 -5.62
N VAL B 9 -19.11 -18.93 -6.19
CA VAL B 9 -17.92 -19.31 -6.93
C VAL B 9 -17.99 -18.70 -8.32
N MLE B 10 -16.98 -17.97 -8.78
CN MLE B 10 -15.74 -17.80 -8.04
CA MLE B 10 -17.02 -17.32 -10.10
CB MLE B 10 -16.60 -15.85 -9.92
CG MLE B 10 -17.66 -14.87 -9.39
CD1 MLE B 10 -19.03 -15.51 -9.25
CD2 MLE B 10 -17.20 -14.24 -8.09
C MLE B 10 -16.08 -17.98 -11.10
O MLE B 10 -15.35 -18.94 -10.78
N ALA B 11 -16.02 -17.40 -12.30
CA ALA B 11 -15.13 -17.86 -13.33
C ALA B 11 -13.66 -17.53 -13.00
N VAL C 2 -9.59 22.10 -17.77
CA VAL C 2 -8.19 21.84 -18.18
C VAL C 2 -7.23 22.59 -17.24
N ASN C 3 -6.01 22.08 -17.08
CA ASN C 3 -5.18 22.27 -15.87
C ASN C 3 -4.76 23.72 -15.79
N PRO C 4 -4.79 24.32 -14.58
CA PRO C 4 -4.42 25.71 -14.42
C PRO C 4 -2.90 25.89 -14.41
N THR C 5 -2.47 27.01 -14.96
CA THR C 5 -1.07 27.49 -15.00
C THR C 5 -0.98 28.72 -14.09
N VAL C 6 0.06 28.74 -13.27
CA VAL C 6 0.35 29.79 -12.28
C VAL C 6 1.78 30.27 -12.56
N PHE C 7 2.09 31.51 -12.21
CA PHE C 7 3.43 32.11 -12.41
C PHE C 7 3.90 32.71 -11.09
N PHE C 8 5.22 32.68 -10.87
CA PHE C 8 5.96 33.48 -9.86
C PHE C 8 6.90 34.39 -10.61
N ASP C 9 6.91 35.69 -10.32
CA ASP C 9 8.05 36.57 -10.65
C ASP C 9 9.02 36.56 -9.46
N ILE C 10 10.25 36.11 -9.71
CA ILE C 10 11.28 35.91 -8.67
C ILE C 10 12.17 37.15 -8.62
N ALA C 11 12.51 37.61 -7.40
CA ALA C 11 13.45 38.72 -7.18
C ALA C 11 14.59 38.23 -6.29
N VAL C 12 15.81 38.70 -6.55
CA VAL C 12 17.03 38.44 -5.74
C VAL C 12 17.41 39.75 -5.05
N ASP C 13 17.37 39.78 -3.72
CA ASP C 13 17.54 41.02 -2.89
C ASP C 13 16.83 42.19 -3.58
N GLY C 14 15.62 41.95 -4.12
CA GLY C 14 14.73 42.99 -4.66
C GLY C 14 14.89 43.21 -6.15
N GLU C 15 15.95 42.67 -6.76
CA GLU C 15 16.23 42.79 -8.23
C GLU C 15 15.42 41.73 -8.97
N PRO C 16 14.62 42.08 -10.02
CA PRO C 16 13.91 41.09 -10.82
C PRO C 16 14.83 40.08 -11.53
N LEU C 17 14.60 38.78 -11.34
CA LEU C 17 15.43 37.70 -11.93
C LEU C 17 14.70 37.12 -13.14
N GLY C 18 13.41 36.81 -13.00
CA GLY C 18 12.52 36.40 -14.12
C GLY C 18 11.30 35.62 -13.65
N ARG C 19 10.50 35.15 -14.60
CA ARG C 19 9.23 34.44 -14.35
C ARG C 19 9.43 32.93 -14.43
N VAL C 20 8.92 32.19 -13.44
CA VAL C 20 8.63 30.73 -13.54
C VAL C 20 7.12 30.50 -13.62
N SER C 21 6.69 29.63 -14.52
CA SER C 21 5.27 29.24 -14.68
C SER C 21 5.15 27.75 -14.40
N PHE C 22 4.09 27.34 -13.72
CA PHE C 22 3.81 25.93 -13.36
C PHE C 22 2.52 25.51 -14.00
N GLU C 23 2.48 24.25 -14.45
CA GLU C 23 1.22 23.51 -14.63
C GLU C 23 0.85 22.85 -13.31
N LEU C 24 -0.38 23.04 -12.86
CA LEU C 24 -0.92 22.34 -11.68
C LEU C 24 -1.84 21.23 -12.17
N PHE C 25 -1.59 20.00 -11.71
CA PHE C 25 -2.26 18.75 -12.13
C PHE C 25 -3.55 18.61 -11.30
N ALA C 26 -4.47 19.55 -11.50
CA ALA C 26 -5.82 19.57 -10.91
C ALA C 26 -6.57 18.30 -11.33
N ASP C 27 -6.20 17.75 -12.50
CA ASP C 27 -6.80 16.52 -13.07
C ASP C 27 -6.53 15.33 -12.12
N LYS C 28 -5.40 15.30 -11.40
CA LYS C 28 -5.01 14.13 -10.54
C LYS C 28 -5.08 14.46 -9.03
N VAL C 29 -4.72 15.67 -8.61
CA VAL C 29 -4.80 16.09 -7.18
C VAL C 29 -5.54 17.42 -7.16
N PRO C 30 -6.86 17.41 -7.38
CA PRO C 30 -7.61 18.67 -7.45
C PRO C 30 -7.48 19.49 -6.15
N LYS C 31 -7.40 18.85 -4.99
CA LYS C 31 -7.49 19.55 -3.69
C LYS C 31 -6.16 20.27 -3.46
N THR C 32 -5.07 19.55 -3.70
CA THR C 32 -3.69 20.06 -3.53
C THR C 32 -3.41 21.14 -4.58
N ALA C 33 -3.92 20.97 -5.79
CA ALA C 33 -3.72 21.93 -6.89
C ALA C 33 -4.42 23.24 -6.52
N GLU C 34 -5.67 23.15 -6.07
CA GLU C 34 -6.54 24.35 -5.81
C GLU C 34 -5.95 25.15 -4.64
N ASN C 35 -5.40 24.48 -3.64
CA ASN C 35 -4.66 25.13 -2.52
C ASN C 35 -3.56 26.02 -3.10
N PHE C 36 -2.62 25.44 -3.84
CA PHE C 36 -1.46 26.17 -4.39
C PHE C 36 -1.98 27.29 -5.31
N ARG C 37 -2.96 26.98 -6.13
CA ARG C 37 -3.54 27.99 -7.07
C ARG C 37 -4.06 29.18 -6.26
N ALA C 38 -4.85 28.93 -5.21
CA ALA C 38 -5.51 30.00 -4.40
C ALA C 38 -4.43 30.81 -3.68
N LEU C 39 -3.40 30.15 -3.14
CA LEU C 39 -2.31 30.87 -2.44
C LEU C 39 -1.54 31.74 -3.45
N SER C 40 -1.54 31.36 -4.73
CA SER C 40 -0.80 32.07 -5.81
C SER C 40 -1.57 33.34 -6.24
N THR C 41 -2.88 33.31 -6.19
CA THR C 41 -3.76 34.46 -6.58
C THR C 41 -3.98 35.37 -5.37
N GLY C 42 -4.07 34.76 -4.18
CA GLY C 42 -4.17 35.47 -2.89
C GLY C 42 -5.62 35.70 -2.51
N GLU C 43 -6.54 34.97 -3.16
CA GLU C 43 -7.99 35.33 -3.19
C GLU C 43 -8.61 35.10 -1.80
N LYS C 44 -8.04 34.22 -0.96
CA LYS C 44 -8.45 34.00 0.46
C LYS C 44 -7.88 35.09 1.38
N GLY C 45 -7.07 36.04 0.86
CA GLY C 45 -6.49 37.15 1.64
C GLY C 45 -5.14 36.79 2.24
N PHE C 46 -4.60 35.65 1.88
CA PHE C 46 -3.23 35.24 2.23
C PHE C 46 -2.66 34.45 1.06
N GLY C 47 -1.35 34.23 1.06
CA GLY C 47 -0.67 33.43 0.03
C GLY C 47 0.75 33.90 -0.20
N TYR C 48 1.30 33.56 -1.36
CA TYR C 48 2.77 33.41 -1.57
C TYR C 48 3.41 34.79 -1.83
N LYS C 49 2.61 35.74 -2.29
CA LYS C 49 3.19 37.00 -2.78
C LYS C 49 3.97 37.64 -1.64
N GLY C 50 5.22 38.08 -1.90
CA GLY C 50 6.10 38.65 -0.88
C GLY C 50 6.89 37.61 -0.10
N SER C 51 6.55 36.32 -0.14
CA SER C 51 7.27 35.29 0.66
C SER C 51 8.63 34.92 0.03
N CYS C 52 9.44 34.12 0.73
CA CYS C 52 10.83 33.82 0.34
C CYS C 52 11.03 32.31 0.18
N PHE C 53 12.01 31.91 -0.62
CA PHE C 53 12.52 30.51 -0.62
C PHE C 53 13.55 30.39 0.50
N HIS C 54 13.13 29.89 1.64
CA HIS C 54 13.92 29.89 2.90
C HIS C 54 15.00 28.80 2.85
N ARG C 55 14.91 27.83 1.95
CA ARG C 55 15.82 26.64 1.98
C ARG C 55 16.06 26.12 0.55
N ILE C 56 17.22 26.46 -0.01
CA ILE C 56 17.67 26.05 -1.36
C ILE C 56 18.93 25.20 -1.23
N ILE C 57 18.88 23.99 -1.75
CA ILE C 57 20.04 23.04 -1.72
C ILE C 57 20.36 22.70 -3.16
N PRO C 58 21.46 23.25 -3.72
CA PRO C 58 21.76 23.03 -5.14
C PRO C 58 21.83 21.52 -5.44
N GLY C 59 21.23 21.11 -6.55
CA GLY C 59 21.29 19.71 -7.01
C GLY C 59 20.17 18.89 -6.40
N PHE C 60 19.30 19.53 -5.60
CA PHE C 60 18.21 18.89 -4.85
C PHE C 60 16.90 19.64 -5.16
N MET C 61 16.65 20.77 -4.51
CA MET C 61 15.36 21.52 -4.65
C MET C 61 15.43 22.94 -4.07
N CYS C 62 14.38 23.73 -4.36
CA CYS C 62 14.11 25.09 -3.80
C CYS C 62 12.78 25.04 -3.02
N GLN C 63 12.86 25.17 -1.69
CA GLN C 63 11.71 25.12 -0.76
C GLN C 63 11.23 26.55 -0.48
N GLY C 64 9.93 26.77 -0.58
CA GLY C 64 9.29 28.05 -0.23
C GLY C 64 7.92 27.82 0.36
N GLY C 65 7.08 28.85 0.36
CA GLY C 65 5.68 28.75 0.79
C GLY C 65 5.42 29.09 2.26
N ASP C 66 6.45 29.33 3.10
CA ASP C 66 6.26 29.73 4.52
C ASP C 66 6.00 31.25 4.61
N PHE C 67 4.75 31.65 4.41
CA PHE C 67 4.33 33.08 4.31
C PHE C 67 3.90 33.59 5.68
N THR C 68 4.02 32.79 6.74
CA THR C 68 3.61 33.23 8.12
C THR C 68 4.86 33.44 8.99
N ARG C 69 5.88 32.56 8.94
CA ARG C 69 7.06 32.65 9.84
C ARG C 69 8.37 32.61 9.04
N HIS C 70 8.28 32.43 7.72
CA HIS C 70 9.37 32.73 6.76
C HIS C 70 10.60 31.86 7.02
N ASN C 71 10.48 30.74 7.75
CA ASN C 71 11.69 29.97 8.16
C ASN C 71 11.47 28.46 8.15
N GLY C 72 10.36 27.96 7.62
CA GLY C 72 10.07 26.51 7.57
C GLY C 72 9.14 26.03 8.68
N THR C 73 8.77 26.88 9.63
CA THR C 73 7.91 26.47 10.78
C THR C 73 6.42 26.81 10.50
N GLY C 74 6.11 27.65 9.51
CA GLY C 74 4.75 28.22 9.35
C GLY C 74 4.09 27.89 8.02
N GLY C 75 3.18 28.75 7.59
CA GLY C 75 2.31 28.46 6.44
C GLY C 75 1.02 27.81 6.86
N LYS C 76 -0.04 27.99 6.08
CA LYS C 76 -1.35 27.35 6.32
C LYS C 76 -1.99 27.12 4.96
N SER C 77 -2.86 26.10 4.84
CA SER C 77 -3.61 25.82 3.60
C SER C 77 -4.86 26.69 3.60
N ILE C 78 -5.56 26.71 2.47
CA ILE C 78 -6.89 27.39 2.34
C ILE C 78 -7.95 26.54 3.04
N TYR C 79 -7.59 25.34 3.47
CA TYR C 79 -8.51 24.39 4.16
C TYR C 79 -8.30 24.45 5.67
N GLY C 80 -7.42 25.31 6.17
CA GLY C 80 -6.98 25.33 7.58
C GLY C 80 -5.51 24.97 7.72
N GLU C 81 -5.03 24.83 8.95
CA GLU C 81 -3.58 24.74 9.28
C GLU C 81 -2.92 23.60 8.48
N LYS C 82 -3.54 22.42 8.45
CA LYS C 82 -3.02 21.20 7.78
C LYS C 82 -4.13 20.64 6.91
N PHE C 83 -3.80 19.84 5.89
CA PHE C 83 -4.74 18.92 5.20
C PHE C 83 -4.03 17.64 4.77
N GLU C 84 -4.85 16.64 4.42
CA GLU C 84 -4.42 15.24 4.27
C GLU C 84 -3.65 15.11 2.97
N ASP C 85 -2.80 14.08 2.91
CA ASP C 85 -2.13 13.64 1.67
C ASP C 85 -3.21 13.16 0.70
N GLU C 86 -3.51 13.95 -0.33
CA GLU C 86 -4.61 13.66 -1.28
C GLU C 86 -4.40 12.28 -1.94
N ASN C 87 -3.22 12.02 -2.50
CA ASN C 87 -2.84 10.68 -3.02
C ASN C 87 -1.39 10.73 -3.49
N PHE C 88 -0.84 9.59 -3.88
CA PHE C 88 0.58 9.45 -4.25
C PHE C 88 0.65 8.84 -5.64
N ILE C 89 -0.26 9.24 -6.51
CA ILE C 89 -0.28 8.80 -7.92
C ILE C 89 1.00 9.29 -8.61
N LEU C 90 1.27 10.59 -8.52
CA LEU C 90 2.41 11.28 -9.20
C LEU C 90 3.70 11.17 -8.38
N LYS C 91 4.80 10.96 -9.09
CA LYS C 91 6.13 10.63 -8.52
C LYS C 91 7.13 11.74 -8.84
N HIS C 92 8.22 11.75 -8.09
CA HIS C 92 9.38 12.67 -8.23
C HIS C 92 10.26 12.16 -9.38
N THR C 93 9.99 12.55 -10.62
CA THR C 93 10.54 11.89 -11.83
C THR C 93 11.64 12.73 -12.46
N GLY C 94 11.84 13.97 -12.03
CA GLY C 94 13.04 14.73 -12.36
C GLY C 94 12.89 16.22 -12.14
N PRO C 95 13.86 17.01 -12.65
CA PRO C 95 13.91 18.45 -12.41
C PRO C 95 12.57 19.12 -12.78
N GLY C 96 12.16 20.15 -12.04
CA GLY C 96 10.97 20.96 -12.37
C GLY C 96 9.71 20.49 -11.63
N ILE C 97 9.77 19.32 -10.97
CA ILE C 97 8.61 18.73 -10.24
C ILE C 97 8.25 19.62 -9.06
N LEU C 98 6.97 19.84 -8.86
CA LEU C 98 6.41 20.66 -7.78
C LEU C 98 5.68 19.72 -6.79
N SER C 99 6.17 19.65 -5.55
CA SER C 99 5.69 18.70 -4.51
C SER C 99 5.47 19.41 -3.17
N MET C 100 4.65 18.83 -2.29
CA MET C 100 4.32 19.45 -0.98
C MET C 100 5.42 19.10 0.04
N ALA C 101 5.97 20.12 0.71
CA ALA C 101 6.69 19.96 2.00
C ALA C 101 5.72 19.49 3.09
N ASN C 102 6.19 18.74 4.06
CA ASN C 102 5.30 18.36 5.18
C ASN C 102 6.13 18.13 6.45
N ALA C 103 5.43 17.84 7.55
CA ALA C 103 6.03 17.44 8.84
C ALA C 103 5.51 16.04 9.19
N GLY C 104 5.49 15.16 8.18
CA GLY C 104 4.97 13.78 8.26
C GLY C 104 3.56 13.67 7.68
N PRO C 105 2.90 12.51 7.90
CA PRO C 105 1.66 12.17 7.21
C PRO C 105 0.55 13.21 7.45
N ASN C 106 -0.15 13.57 6.39
CA ASN C 106 -1.35 14.43 6.45
C ASN C 106 -1.02 15.72 7.20
N THR C 107 0.03 16.44 6.82
CA THR C 107 0.40 17.72 7.48
C THR C 107 0.70 18.78 6.42
N ASN C 108 0.06 18.68 5.26
CA ASN C 108 0.22 19.63 4.13
C ASN C 108 -0.35 20.98 4.53
N GLY C 109 0.42 22.04 4.30
CA GLY C 109 0.05 23.42 4.60
C GLY C 109 0.13 24.28 3.35
N SER C 110 1.09 25.19 3.31
CA SER C 110 1.40 26.04 2.14
C SER C 110 2.80 25.74 1.59
N GLN C 111 3.66 25.09 2.36
CA GLN C 111 5.08 24.91 1.96
C GLN C 111 5.19 23.89 0.82
N PHE C 112 6.05 24.18 -0.15
CA PHE C 112 6.24 23.36 -1.38
C PHE C 112 7.72 23.32 -1.73
N PHE C 113 8.11 22.39 -2.60
CA PHE C 113 9.45 22.45 -3.23
C PHE C 113 9.38 22.30 -4.75
N ILE C 114 10.35 22.93 -5.39
CA ILE C 114 10.67 22.70 -6.82
C ILE C 114 11.95 21.88 -6.88
N CYS C 115 11.85 20.67 -7.42
CA CYS C 115 13.02 19.77 -7.65
C CYS C 115 13.91 20.38 -8.72
N THR C 116 15.21 20.30 -8.50
CA THR C 116 16.25 20.59 -9.51
C THR C 116 16.93 19.27 -9.85
N ALA C 117 16.31 18.16 -9.49
CA ALA C 117 16.86 16.81 -9.75
C ALA C 117 15.75 15.80 -9.54
N LYS C 118 15.98 14.55 -9.92
CA LYS C 118 15.03 13.46 -9.60
C LYS C 118 15.24 13.12 -8.12
N THR C 119 14.17 13.11 -7.32
CA THR C 119 14.16 12.90 -5.85
C THR C 119 13.29 11.68 -5.55
N GLU C 120 13.66 10.52 -6.05
CA GLU C 120 12.78 9.33 -6.03
C GLU C 120 12.61 8.82 -4.60
N TRP C 121 13.54 9.09 -3.68
CA TRP C 121 13.41 8.62 -2.27
C TRP C 121 12.23 9.33 -1.57
N LEU C 122 11.65 10.37 -2.16
CA LEU C 122 10.47 11.07 -1.60
C LEU C 122 9.14 10.48 -2.10
N ASP C 123 9.17 9.46 -2.96
CA ASP C 123 7.93 8.88 -3.57
C ASP C 123 7.10 8.23 -2.45
N GLY C 124 5.79 8.51 -2.39
CA GLY C 124 4.89 7.98 -1.34
C GLY C 124 4.96 8.76 -0.03
N CYS C 125 5.82 9.77 0.09
CA CYS C 125 5.99 10.60 1.32
C CYS C 125 5.46 12.04 1.07
N HIS C 126 5.59 12.54 -0.15
CA HIS C 126 5.34 13.96 -0.51
C HIS C 126 4.40 13.97 -1.70
N VAL C 127 3.33 14.77 -1.65
CA VAL C 127 2.35 14.79 -2.75
C VAL C 127 2.89 15.69 -3.86
N VAL C 128 3.17 15.10 -5.01
CA VAL C 128 3.48 15.80 -6.29
C VAL C 128 2.16 16.30 -6.89
N PHE C 129 2.11 17.56 -7.30
CA PHE C 129 0.87 18.22 -7.78
C PHE C 129 1.11 19.19 -8.93
N GLY C 130 2.33 19.34 -9.42
CA GLY C 130 2.56 20.17 -10.60
C GLY C 130 3.96 20.04 -11.15
N LYS C 131 4.31 20.94 -12.04
CA LYS C 131 5.60 20.93 -12.75
C LYS C 131 5.82 22.29 -13.39
N VAL C 132 7.10 22.70 -13.48
CA VAL C 132 7.55 23.94 -14.17
C VAL C 132 7.22 23.77 -15.65
N LYS C 133 6.60 24.81 -16.21
CA LYS C 133 6.17 24.89 -17.63
C LYS C 133 7.22 25.72 -18.38
N GLU C 134 7.49 26.96 -17.95
CA GLU C 134 8.58 27.81 -18.52
C GLU C 134 9.38 28.41 -17.38
N GLY C 135 10.62 28.79 -17.66
CA GLY C 135 11.51 29.47 -16.70
C GLY C 135 12.25 28.47 -15.83
N MET C 136 12.48 27.25 -16.32
CA MET C 136 13.39 26.32 -15.59
C MET C 136 14.75 26.99 -15.43
N ASN C 137 15.11 27.89 -16.34
CA ASN C 137 16.40 28.63 -16.32
C ASN C 137 16.43 29.57 -15.11
N ILE C 138 15.27 30.10 -14.69
CA ILE C 138 15.15 30.97 -13.49
C ILE C 138 15.36 30.12 -12.22
N VAL C 139 14.74 28.94 -12.17
CA VAL C 139 14.90 27.98 -11.03
C VAL C 139 16.39 27.64 -10.90
N GLU C 140 17.09 27.52 -12.02
CA GLU C 140 18.55 27.19 -12.02
C GLU C 140 19.34 28.40 -11.55
N ALA C 141 18.92 29.62 -11.91
CA ALA C 141 19.55 30.85 -11.37
C ALA C 141 19.39 30.86 -9.84
N MET C 142 18.19 30.54 -9.32
CA MET C 142 17.85 30.62 -7.88
C MET C 142 18.76 29.63 -7.14
N GLU C 143 18.97 28.47 -7.75
CA GLU C 143 19.71 27.32 -7.18
C GLU C 143 21.12 27.77 -6.79
N ARG C 144 21.68 28.73 -7.52
CA ARG C 144 23.08 29.22 -7.32
C ARG C 144 23.18 30.06 -6.02
N PHE C 145 22.07 30.41 -5.38
CA PHE C 145 22.06 31.21 -4.13
C PHE C 145 21.92 30.30 -2.89
N GLY C 146 21.92 28.99 -3.08
CA GLY C 146 21.64 28.03 -2.01
C GLY C 146 22.93 27.57 -1.38
N SER C 147 22.91 26.50 -0.61
CA SER C 147 24.09 25.92 0.06
C SER C 147 23.73 24.50 0.51
N ARG C 148 24.73 23.69 0.83
CA ARG C 148 24.48 22.29 1.20
C ARG C 148 23.42 22.26 2.32
N ASN C 149 23.44 23.24 3.22
CA ASN C 149 22.61 23.26 4.44
C ASN C 149 21.27 23.97 4.17
N GLY C 150 21.14 24.61 3.01
CA GLY C 150 19.87 25.22 2.53
C GLY C 150 19.83 26.71 2.73
N LYS C 151 20.65 27.25 3.62
CA LYS C 151 20.69 28.72 3.85
C LYS C 151 21.08 29.41 2.53
N THR C 152 20.35 30.48 2.18
CA THR C 152 20.56 31.27 0.95
C THR C 152 21.53 32.43 1.26
N SER C 153 22.37 32.78 0.28
CA SER C 153 23.36 33.88 0.36
C SER C 153 22.72 35.22 -0.08
N LYS C 154 21.54 35.18 -0.71
CA LYS C 154 20.68 36.38 -0.98
C LYS C 154 19.20 36.01 -0.75
N LYS C 155 18.39 37.02 -0.51
CA LYS C 155 16.95 36.87 -0.25
C LYS C 155 16.25 36.59 -1.58
N ILE C 156 15.77 35.36 -1.78
CA ILE C 156 15.03 34.96 -3.01
C ILE C 156 13.55 34.98 -2.70
N THR C 157 12.84 35.98 -3.21
CA THR C 157 11.41 36.22 -2.91
C THR C 157 10.53 35.98 -4.15
N ILE C 158 9.27 35.69 -3.87
CA ILE C 158 8.18 35.72 -4.86
C ILE C 158 7.69 37.17 -4.88
N ALA C 159 8.31 38.03 -5.69
CA ALA C 159 7.92 39.46 -5.86
C ALA C 159 6.48 39.56 -6.33
N ASP C 160 6.07 38.71 -7.28
CA ASP C 160 4.66 38.68 -7.75
C ASP C 160 4.26 37.26 -8.13
N CYS C 161 2.96 36.97 -8.14
CA CYS C 161 2.43 35.64 -8.47
C CYS C 161 0.95 35.74 -8.80
N GLY C 162 0.39 34.71 -9.40
CA GLY C 162 -0.95 34.76 -10.01
C GLY C 162 -1.18 33.65 -11.02
N GLN C 163 -2.36 33.62 -11.60
CA GLN C 163 -2.77 32.59 -12.58
C GLN C 163 -2.66 33.18 -13.99
N LEU C 164 -2.12 32.42 -14.93
CA LEU C 164 -2.26 32.72 -16.39
C LEU C 164 -3.52 32.04 -16.97
N GLU C 165 -3.74 30.76 -16.67
CA GLU C 165 -4.72 29.84 -17.35
C GLU C 165 -5.49 29.05 -16.28
N DAL D 1 20.23 14.00 5.61
CA DAL D 1 19.83 13.30 4.41
CB DAL D 1 21.02 12.57 3.82
C DAL D 1 19.29 14.36 3.46
O DAL D 1 19.74 15.50 3.53
N MLE D 2 18.28 14.05 2.61
CN MLE D 2 17.63 12.75 2.53
CA MLE D 2 17.76 15.07 1.66
CB MLE D 2 18.15 14.79 0.22
CG MLE D 2 19.66 14.81 -0.07
CD1 MLE D 2 19.93 14.23 -1.46
CD2 MLE D 2 20.26 16.21 0.05
C MLE D 2 16.25 15.13 1.77
O MLE D 2 15.55 14.58 0.93
N MLE D 3 15.74 15.64 2.88
CN MLE D 3 16.52 16.31 3.89
CA MLE D 3 14.28 15.67 3.02
CB MLE D 3 13.82 15.11 4.38
CG MLE D 3 14.41 13.76 4.76
CD1 MLE D 3 13.94 12.68 3.81
CD2 MLE D 3 14.03 13.40 6.18
C MLE D 3 13.78 17.10 2.84
O MLE D 3 14.61 18.01 2.76
N MVA D 4 12.47 17.31 2.72
CN MVA D 4 11.52 16.22 2.58
CA MVA D 4 11.86 18.67 2.64
CB MVA D 4 11.29 18.95 1.24
CG1 MVA D 4 10.90 20.42 1.08
CG2 MVA D 4 12.25 18.51 0.14
C MVA D 4 10.80 18.76 3.73
O MVA D 4 9.65 18.39 3.50
N BMT D 5 11.20 19.05 4.96
CN BMT D 5 12.57 19.49 5.25
CA BMT D 5 10.22 19.04 6.08
C BMT D 5 9.94 20.46 6.54
O BMT D 5 10.64 21.39 6.11
CB BMT D 5 10.54 18.16 7.28
OG1 BMT D 5 11.60 18.74 8.02
CG2 BMT D 5 10.92 16.74 6.89
CD1 BMT D 5 9.83 16.13 6.02
CD2 BMT D 5 11.21 15.82 8.09
CE BMT D 5 10.39 16.08 9.31
CZ BMT D 5 9.48 15.40 9.80
CH BMT D 5 8.86 15.63 11.15
N ABA D 6 8.88 20.61 7.33
CA ABA D 6 8.43 21.93 7.78
C ABA D 6 8.45 22.01 9.31
O ABA D 6 7.45 21.74 9.97
CB ABA D 6 7.02 22.20 7.29
CG ABA D 6 6.84 21.98 5.80
N SAR D 7 9.55 22.38 9.94
CA SAR D 7 9.59 22.32 11.44
C SAR D 7 10.79 21.56 11.98
O SAR D 7 11.65 22.13 12.64
CN SAR D 7 10.74 22.85 9.23
N MLE D 8 10.90 20.26 11.76
CN MLE D 8 9.80 19.48 11.21
CA MLE D 8 12.13 19.55 12.15
CB MLE D 8 11.81 18.34 13.01
CG MLE D 8 11.38 18.69 14.43
CD1 MLE D 8 10.82 17.47 15.14
CD2 MLE D 8 12.56 19.28 15.20
C MLE D 8 12.92 19.09 10.93
O MLE D 8 12.59 18.08 10.32
N VAL D 9 13.86 19.94 10.52
CA VAL D 9 14.65 19.72 9.35
C VAL D 9 15.72 18.68 9.71
N MLE D 10 15.81 17.56 8.99
CN MLE D 10 14.99 17.24 7.84
CA MLE D 10 16.79 16.51 9.42
CB MLE D 10 16.00 15.21 9.67
CG MLE D 10 14.87 15.30 10.70
CD1 MLE D 10 13.91 14.13 10.55
CD2 MLE D 10 15.43 15.33 12.12
C MLE D 10 17.89 16.26 8.39
O MLE D 10 17.93 16.91 7.34
N ALA D 11 18.78 15.31 8.69
CA ALA D 11 19.89 14.98 7.81
C ALA D 11 19.36 14.24 6.59
CA MPT E 1 6.92 8.76 6.14
C MPT E 1 6.43 7.33 6.38
O MPT E 1 5.23 7.08 6.47
CB MPT E 1 6.39 9.25 4.78
SG MPT E 1 7.03 8.28 3.37
OAA A1IMW E 2 8.55 -2.44 -1.93
CAB A1IMW E 2 7.47 -1.88 -1.89
NAC A1IMW E 2 7.17 -0.95 -0.93
CAD A1IMW E 2 5.92 -0.18 -0.85
CAE A1IMW E 2 5.85 0.58 0.49
OAF A1IMW E 2 4.88 1.64 0.43
CAG A1IMW E 2 3.71 1.39 1.22
CAH A1IMW E 2 3.97 1.74 2.70
OAI A1IMW E 2 3.87 3.16 2.90
CAJ A1IMW E 2 5.10 3.86 2.60
CAK A1IMW E 2 5.52 4.72 3.80
OAL A1IMW E 2 5.99 3.88 4.87
CAM A1IMW E 2 7.29 4.21 5.35
CAN A1IMW E 2 7.17 4.98 6.67
NAO A1IMW E 2 7.42 6.41 6.46
O QUK E 3 0.73 -2.90 -4.35
C QUK E 3 1.83 -2.99 -3.79
C10 QUK E 3 2.99 -3.34 -4.49
N11 QUK E 3 4.17 -3.01 -3.94
C7 QUK E 3 5.34 -3.33 -4.50
CA QUK E 3 6.53 -2.94 -3.87
N QUK E 3 6.44 -2.24 -2.68
C9 QUK E 3 2.96 -4.06 -5.67
C8 QUK E 3 4.16 -4.41 -6.29
C6 QUK E 3 5.36 -4.05 -5.69
C5 QUK E 3 6.58 -4.39 -6.27
C4 QUK E 3 7.77 -4.01 -5.65
C3 QUK E 3 7.75 -3.28 -4.45
OB QUK E 3 4.16 -5.12 -7.46
CG QUK E 3 2.95 -5.42 -8.18
CD QUK E 3 3.14 -6.66 -9.05
CE QUK E 3 4.50 -6.67 -9.75
N1 QUK E 3 4.53 -5.67 -10.82
OB QVS E 4 0.39 -1.40 2.94
C8 QVS E 4 1.26 -1.83 2.00
C9 QVS E 4 2.57 -2.17 2.28
CA QVS E 4 3.37 -2.61 1.23
C QVS E 4 4.70 -3.01 1.38
O QVS E 4 5.35 -2.75 2.39
N11 QVS E 4 2.85 -2.70 -0.01
C7 QVS E 4 1.57 -2.34 -0.29
C6 QVS E 4 0.75 -1.91 0.71
C5 QVS E 4 -0.58 -1.55 0.43
C4 QVS E 4 -1.06 -1.64 -0.89
C3 QVS E 4 -0.21 -2.07 -1.91
C2 QVS E 4 1.10 -2.44 -1.60
N QVS E 4 2.03 -2.83 -2.48
C2 QUJ E 5 6.40 -4.19 0.23
C3 QUJ E 5 7.51 -3.87 1.00
C4 QUJ E 5 8.75 -4.46 0.66
C5 QUJ E 5 8.86 -5.34 -0.43
C6 QUJ E 5 7.73 -5.63 -1.19
C8 QUJ E 5 7.78 -6.46 -2.32
C9 QUJ E 5 6.61 -6.79 -3.01
CA QUJ E 5 5.41 -6.19 -2.62
O QUJ E 5 4.12 -6.86 -4.39
C QUJ E 5 4.18 -6.40 -3.25
N11 QUJ E 5 5.41 -5.34 -1.57
C7 QUJ E 5 6.52 -5.06 -0.86
N QUJ E 5 5.17 -3.71 0.35
OB QUJ E 5 8.98 -7.07 -2.52
CG QUJ E 5 9.82 -7.06 -3.67
CD QUJ E 5 10.59 -8.37 -3.59
CE2 QUJ E 5 11.47 -8.41 -2.33
CE1 QUJ E 5 11.48 -8.56 -4.82
O QUK E 6 0.51 -5.10 2.76
C QUK E 6 1.15 -5.38 1.75
C10 QUK E 6 0.54 -5.50 0.51
N11 QUK E 6 1.33 -5.76 -0.56
C7 QUK E 6 0.85 -5.95 -1.81
CA QUK E 6 1.78 -6.22 -2.83
N QUK E 6 3.12 -6.18 -2.46
C9 QUK E 6 -0.83 -5.41 0.34
C8 QUK E 6 -1.38 -5.63 -0.93
C6 QUK E 6 -0.53 -5.90 -2.02
C5 QUK E 6 -1.01 -6.09 -3.31
C4 QUK E 6 -0.11 -6.35 -4.35
C3 QUK E 6 1.28 -6.40 -4.12
OB QUK E 6 -2.75 -5.54 -1.09
CG QUK E 6 -3.55 -5.00 -0.02
CD QUK E 6 -5.03 -5.06 -0.35
CE QUK E 6 -5.33 -4.37 -1.69
N1 QUK E 6 -6.55 -3.55 -1.55
OZ1 7IB E 7 8.65 -7.57 8.48
CE 7IB E 7 8.20 -7.84 7.35
OZ2 7IB E 7 8.70 -8.66 6.55
CD 7IB E 7 6.88 -7.24 6.98
CG 7IB E 7 7.07 -5.83 6.40
CB 7IB E 7 5.67 -5.27 6.30
C5 7IB E 7 4.98 -5.38 5.03
C6 7IB E 7 5.36 -6.12 3.87
C8 7IB E 7 6.57 -6.79 3.73
C9 7IB E 7 6.88 -7.45 2.53
C10 7IB E 7 5.96 -7.45 1.48
C 7IB E 7 6.27 -8.14 0.31
O 7IB E 7 5.38 -8.47 -0.52
OXT 7IB E 7 7.44 -8.50 0.09
N11 7IB E 7 4.79 -6.82 1.64
C7 7IB E 7 4.47 -6.17 2.79
CA 7IB E 7 3.22 -5.55 2.87
N 7IB E 7 2.46 -5.63 1.77
C3 7IB E 7 2.83 -4.87 3.99
C4 7IB E 7 3.71 -4.81 5.07
CA MPT F 1 -8.72 -5.94 -5.21
C MPT F 1 -8.41 -5.64 -6.69
O MPT F 1 -8.26 -6.55 -7.49
CB MPT F 1 -7.50 -6.60 -4.54
SG MPT F 1 -7.84 -8.31 -3.94
OAA A1IMW F 2 2.03 -1.65 -7.28
CAB A1IMW F 2 2.25 -1.76 -8.49
NAC A1IMW F 2 1.27 -1.93 -9.42
CAD A1IMW F 2 -0.15 -2.14 -9.07
CAE A1IMW F 2 -0.42 -3.60 -8.67
OAF A1IMW F 2 -1.13 -3.65 -7.41
CAG A1IMW F 2 -2.52 -3.32 -7.54
CAH A1IMW F 2 -2.79 -1.95 -6.90
OAI A1IMW F 2 -4.17 -1.89 -6.47
CAJ A1IMW F 2 -4.97 -1.03 -7.31
CAK A1IMW F 2 -6.46 -1.41 -7.19
OAL A1IMW F 2 -7.03 -1.60 -8.50
CAM A1IMW F 2 -8.29 -2.31 -8.44
CAN A1IMW F 2 -8.06 -3.83 -8.36
NAO A1IMW F 2 -8.35 -4.32 -7.00
O QUK F 3 4.02 0.37 -2.93
C QUK F 3 3.70 0.34 -4.12
C10 QUK F 3 4.62 -0.05 -5.12
N11 QUK F 3 4.21 -0.61 -6.31
C7 QUK F 3 5.09 -0.97 -7.28
CA QUK F 3 4.71 -1.57 -8.52
N QUK F 3 3.46 -1.88 -9.03
C9 QUK F 3 5.98 0.15 -4.89
C8 QUK F 3 6.92 -0.21 -5.85
C6 QUK F 3 6.48 -0.77 -7.04
C5 QUK F 3 7.44 -1.11 -7.97
C4 QUK F 3 7.06 -1.68 -9.17
C3 QUK F 3 5.72 -1.88 -9.44
OB QUK F 3 8.27 -0.03 -5.66
CG QUK F 3 8.81 0.36 -4.40
CD QUK F 3 10.33 0.46 -4.48
CE QUK F 3 10.95 -0.86 -4.93
N1 QUK F 3 11.93 -0.61 -6.01
OB QVS F 4 -3.02 2.48 -4.07
C8 QVS F 4 -1.89 2.10 -4.70
C9 QVS F 4 -1.79 2.00 -6.09
CA QVS F 4 -0.57 1.60 -6.64
C QVS F 4 -0.35 1.46 -8.05
O QVS F 4 -1.27 1.27 -8.83
N11 QVS F 4 0.47 1.33 -5.83
C7 QVS F 4 0.38 1.41 -4.50
C6 QVS F 4 -0.79 1.79 -3.87
C5 QVS F 4 -0.84 1.85 -2.47
C4 QVS F 4 0.29 1.54 -1.70
C3 QVS F 4 1.46 1.14 -2.36
C2 QVS F 4 1.50 1.10 -3.77
N QVS F 4 2.49 0.72 -4.55
C2 QUJ F 5 1.39 1.35 -9.66
C3 QUJ F 5 0.64 0.96 -10.77
C4 QUJ F 5 1.28 0.77 -12.00
C5 QUJ F 5 2.67 0.94 -12.10
C6 QUJ F 5 3.42 1.31 -10.98
C8 QUJ F 5 4.81 1.49 -11.04
C9 QUJ F 5 5.51 1.89 -9.89
CA QUJ F 5 4.81 2.09 -8.70
O QUJ F 5 6.64 2.41 -7.33
C QUJ F 5 5.42 2.48 -7.49
N11 QUJ F 5 3.48 1.88 -8.68
C7 QUJ F 5 2.78 1.49 -9.77
N QUJ F 5 0.94 1.52 -8.42
OB QUJ F 5 5.39 1.29 -12.27
CG QUJ F 5 6.78 0.96 -12.25
CD QUJ F 5 7.16 0.42 -13.63
CE2 QUJ F 5 6.79 1.44 -14.71
CE1 QUJ F 5 6.42 -0.90 -13.90
O QUK F 6 -0.80 5.18 -5.06
C QUK F 6 0.27 4.80 -5.52
C10 QUK F 6 1.39 4.61 -4.71
N11 QUK F 6 2.52 4.13 -5.30
C7 QUK F 6 3.68 3.94 -4.63
CA QUK F 6 4.80 3.45 -5.32
N QUK F 6 4.57 3.07 -6.62
C9 QUK F 6 1.42 4.96 -3.37
C8 QUK F 6 2.59 4.80 -2.65
C6 QUK F 6 3.74 4.30 -3.29
C5 QUK F 6 4.95 4.16 -2.60
C4 QUK F 6 6.06 3.63 -3.25
C3 QUK F 6 5.99 3.28 -4.61
OB QUK F 6 2.64 5.16 -1.35
CG QUK F 6 1.60 4.81 -0.45
CD QUK F 6 2.12 5.04 0.96
CE QUK F 6 1.40 6.21 1.65
N1 QUK F 6 1.67 6.17 3.08
OZ1 7IB F 7 -4.94 8.65 -12.66
CE 7IB F 7 -4.31 7.68 -13.16
OZ2 7IB F 7 -3.59 7.70 -14.19
CD 7IB F 7 -4.50 6.30 -12.52
CG 7IB F 7 -3.74 6.23 -11.20
CB 7IB F 7 -3.00 4.91 -11.16
C5 7IB F 7 -2.11 4.86 -10.05
C6 7IB F 7 -0.71 4.81 -10.20
C8 7IB F 7 -0.10 4.85 -11.46
C9 7IB F 7 1.30 4.82 -11.57
C10 7IB F 7 2.07 4.75 -10.41
C 7IB F 7 3.48 4.74 -10.51
O 7IB F 7 4.05 4.40 -11.57
OXT 7IB F 7 4.18 5.05 -9.51
N11 7IB F 7 1.46 4.72 -9.20
C7 7IB F 7 0.12 4.73 -9.07
CA 7IB F 7 -0.42 4.70 -7.80
N 7IB F 7 0.49 4.60 -6.84
C3 7IB F 7 -1.82 4.71 -7.64
C4 7IB F 7 -2.65 4.79 -8.76
#